data_8G4Y
#
_entry.id   8G4Y
#
_cell.length_a   135.551
_cell.length_b   35.226
_cell.length_c   48.856
_cell.angle_alpha   90.00
_cell.angle_beta   109.11
_cell.angle_gamma   90.00
#
_symmetry.space_group_name_H-M   'C 1 2 1'
#
loop_
_entity.id
_entity.type
_entity.pdbx_description
1 polymer 'E3 ubiquitin-protein ligase ZNRF3'
2 polymer MK1-3.6.10
3 water water
#
loop_
_entity_poly.entity_id
_entity_poly.type
_entity_poly.pdbx_seq_one_letter_code
_entity_poly.pdbx_strand_id
1 'polypeptide(L)'
;GSTKETAFVEVVLFESSPSGDYTTYTTGLTGRFSRAGATLSAEGEIVQMHPLGLCNNNDEEDLYEYGWVGVVKLEQPELD
PKPCLTVLGKAKRAVQRGATAVIFDVSENPEAIDQLNQGSEDPLKRPVVYVKGADAIKLMNIVNKQKVARARIQHRPPRQ
PTEYFDMGNSDYKDDDDK
;
A
2 'polypeptide(L)' GCNRLNKKCNSDADCCANKEKCERPIGWKFMYCRPDVGP B
#
# COMPACT_ATOMS: atom_id res chain seq x y z
N SER A 2 20.44 1.30 -12.28
CA SER A 2 20.15 2.58 -11.66
C SER A 2 18.70 2.97 -11.87
N THR A 3 18.33 3.36 -13.09
CA THR A 3 16.92 3.49 -13.44
C THR A 3 16.23 2.13 -13.55
N LYS A 4 16.98 1.05 -13.63
CA LYS A 4 16.35 -0.25 -13.52
C LYS A 4 15.74 -0.39 -12.13
N GLU A 5 14.72 -1.22 -12.04
CA GLU A 5 14.06 -1.47 -10.76
C GLU A 5 13.39 -0.23 -10.18
N THR A 6 13.15 0.81 -10.96
CA THR A 6 12.32 1.91 -10.46
C THR A 6 10.87 1.46 -10.34
N ALA A 7 10.25 1.80 -9.23
CA ALA A 7 8.85 1.48 -8.96
C ALA A 7 8.09 2.80 -8.99
N PHE A 8 7.12 2.91 -9.88
CA PHE A 8 6.29 4.09 -9.96
C PHE A 8 4.99 3.81 -9.24
N VAL A 9 4.67 4.66 -8.27
CA VAL A 9 3.56 4.43 -7.34
C VAL A 9 2.62 5.61 -7.46
N GLU A 10 1.37 5.32 -7.77
CA GLU A 10 0.32 6.34 -7.74
C GLU A 10 -0.65 5.99 -6.63
N VAL A 11 -1.02 6.98 -5.82
CA VAL A 11 -1.92 6.80 -4.70
C VAL A 11 -3.07 7.79 -4.83
N VAL A 12 -4.29 7.30 -4.64
CA VAL A 12 -5.50 8.11 -4.78
C VAL A 12 -6.35 7.93 -3.53
N LEU A 13 -6.84 9.04 -3.00
CA LEU A 13 -7.69 9.05 -1.82
C LEU A 13 -8.84 10.00 -2.07
N PHE A 14 -10.02 9.67 -1.59
CA PHE A 14 -11.18 10.56 -1.70
C PHE A 14 -11.58 11.06 -0.33
N GLU A 15 -12.00 12.32 -0.27
CA GLU A 15 -12.64 12.86 0.94
C GLU A 15 -13.98 13.46 0.52
N SER A 16 -15.05 12.99 1.14
CA SER A 16 -16.38 13.52 0.85
C SER A 16 -16.70 14.68 1.79
N SER A 17 -17.88 15.26 1.62
CA SER A 17 -18.37 16.29 2.50
C SER A 17 -19.88 16.14 2.60
N PRO A 18 -20.51 16.72 3.63
CA PRO A 18 -21.97 16.65 3.71
C PRO A 18 -22.68 17.19 2.47
N SER A 19 -22.09 18.18 1.80
CA SER A 19 -22.69 18.73 0.58
C SER A 19 -22.74 17.71 -0.55
N GLY A 20 -21.96 16.64 -0.46
CA GLY A 20 -21.79 15.75 -1.58
C GLY A 20 -20.64 16.10 -2.49
N ASP A 21 -20.11 17.32 -2.39
CA ASP A 21 -18.85 17.63 -3.04
C ASP A 21 -17.77 16.67 -2.54
N TYR A 22 -16.83 16.34 -3.41
CA TYR A 22 -15.75 15.46 -3.00
C TYR A 22 -14.42 15.99 -3.49
N THR A 23 -13.41 15.73 -2.68
CA THR A 23 -12.05 16.06 -3.00
C THR A 23 -11.32 14.76 -3.29
N THR A 24 -10.54 14.77 -4.35
CA THR A 24 -9.63 13.68 -4.68
C THR A 24 -8.23 14.19 -4.39
N TYR A 25 -7.42 13.34 -3.75
N TYR A 25 -7.42 13.35 -3.74
CA TYR A 25 -6.02 13.65 -3.49
CA TYR A 25 -6.02 13.64 -3.48
C TYR A 25 -5.23 12.59 -4.21
C TYR A 25 -5.23 12.59 -4.21
N THR A 26 -4.33 13.03 -5.10
CA THR A 26 -3.57 12.12 -5.95
C THR A 26 -2.08 12.44 -5.79
N THR A 27 -1.28 11.40 -5.69
CA THR A 27 0.16 11.58 -5.62
C THR A 27 0.85 10.58 -6.53
N GLY A 28 1.93 11.01 -7.14
CA GLY A 28 2.78 10.08 -7.87
C GLY A 28 4.16 10.15 -7.27
N LEU A 29 4.75 8.99 -7.03
CA LEU A 29 6.06 8.95 -6.36
C LEU A 29 6.81 7.73 -6.86
N THR A 30 8.13 7.73 -6.61
CA THR A 30 8.96 6.63 -7.08
C THR A 30 9.71 6.02 -5.92
N GLY A 31 9.88 4.71 -6.00
CA GLY A 31 10.80 4.03 -5.13
C GLY A 31 11.52 2.97 -5.93
N ARG A 32 11.94 1.89 -5.29
CA ARG A 32 12.69 0.85 -5.96
C ARG A 32 12.14 -0.51 -5.60
N PHE A 33 12.07 -1.39 -6.59
CA PHE A 33 11.83 -2.80 -6.31
C PHE A 33 13.07 -3.39 -5.65
N SER A 34 12.90 -3.97 -4.47
CA SER A 34 14.05 -4.55 -3.81
C SER A 34 14.28 -5.99 -4.30
N ARG A 35 15.53 -6.46 -4.16
CA ARG A 35 15.80 -7.82 -4.57
C ARG A 35 15.08 -8.86 -3.71
N ALA A 36 14.57 -8.47 -2.54
CA ALA A 36 13.81 -9.36 -1.67
C ALA A 36 12.48 -9.80 -2.27
N GLY A 37 11.99 -9.13 -3.31
CA GLY A 37 10.68 -9.41 -3.87
C GLY A 37 10.74 -9.39 -5.37
N ALA A 38 9.58 -9.61 -5.96
CA ALA A 38 9.43 -9.65 -7.41
C ALA A 38 9.37 -8.25 -8.01
N THR A 39 9.73 -8.18 -9.29
CA THR A 39 9.53 -6.96 -10.07
C THR A 39 8.29 -7.24 -10.91
N LEU A 40 7.15 -6.74 -10.43
CA LEU A 40 5.83 -7.00 -10.99
C LEU A 40 4.97 -5.78 -10.68
N SER A 41 3.98 -5.52 -11.52
CA SER A 41 3.01 -4.50 -11.16
C SER A 41 2.07 -5.04 -10.09
N ALA A 42 1.44 -4.12 -9.35
CA ALA A 42 0.52 -4.52 -8.31
C ALA A 42 -0.40 -3.35 -8.02
N GLU A 43 -1.57 -3.66 -7.46
CA GLU A 43 -2.49 -2.57 -7.17
C GLU A 43 -3.47 -3.03 -6.10
N GLY A 44 -3.86 -2.11 -5.25
CA GLY A 44 -4.82 -2.46 -4.22
C GLY A 44 -4.96 -1.37 -3.18
N GLU A 45 -5.89 -1.60 -2.26
CA GLU A 45 -6.08 -0.69 -1.15
C GLU A 45 -4.87 -0.70 -0.24
N ILE A 46 -4.47 0.48 0.24
CA ILE A 46 -3.37 0.58 1.20
C ILE A 46 -3.84 0.18 2.59
N VAL A 47 -3.06 -0.66 3.25
CA VAL A 47 -3.19 -0.91 4.69
C VAL A 47 -1.87 -0.55 5.33
N GLN A 48 -1.88 0.43 6.23
CA GLN A 48 -0.68 0.72 7.01
C GLN A 48 -0.52 -0.36 8.07
N MET A 49 0.66 -0.98 8.10
CA MET A 49 0.93 -2.04 9.04
C MET A 49 1.57 -1.46 10.30
N HIS A 50 0.86 -1.54 11.42
CA HIS A 50 1.36 -0.97 12.66
C HIS A 50 2.13 -2.02 13.46
N PRO A 51 2.93 -1.57 14.43
CA PRO A 51 3.93 -2.47 15.03
C PRO A 51 3.35 -3.71 15.72
N LEU A 52 2.40 -3.55 16.63
CA LEU A 52 1.92 -4.72 17.36
C LEU A 52 1.11 -5.64 16.44
N GLY A 53 0.37 -5.07 15.51
CA GLY A 53 -0.35 -5.88 14.55
C GLY A 53 0.58 -6.73 13.71
N LEU A 54 1.72 -6.17 13.29
CA LEU A 54 2.68 -6.93 12.52
C LEU A 54 3.35 -8.01 13.36
N CYS A 55 3.49 -7.77 14.68
CA CYS A 55 4.10 -8.78 15.54
C CYS A 55 3.20 -9.97 15.79
N ASN A 56 1.88 -9.84 15.57
CA ASN A 56 0.94 -10.92 15.81
C ASN A 56 1.37 -12.17 15.04
N ASN A 57 1.69 -13.22 15.79
CA ASN A 57 2.29 -14.44 15.28
C ASN A 57 1.24 -15.48 14.91
N ASN A 58 -0.03 -15.22 15.17
CA ASN A 58 -1.05 -16.26 15.09
C ASN A 58 -1.29 -16.67 13.64
N ASP A 59 -1.66 -17.93 13.46
CA ASP A 59 -2.04 -18.42 12.13
C ASP A 59 -3.55 -18.59 12.17
N GLU A 60 -4.28 -17.56 11.76
CA GLU A 60 -5.72 -17.59 11.78
C GLU A 60 -6.29 -16.84 10.60
N GLU A 61 -7.41 -17.35 10.07
CA GLU A 61 -8.01 -16.77 8.88
C GLU A 61 -8.33 -15.30 9.07
N ASP A 62 -8.67 -14.91 10.30
CA ASP A 62 -9.03 -13.54 10.62
C ASP A 62 -7.96 -12.55 10.19
N LEU A 63 -6.70 -12.99 10.10
CA LEU A 63 -5.60 -12.08 9.78
C LEU A 63 -5.38 -11.93 8.27
N TYR A 64 -6.12 -12.67 7.45
CA TYR A 64 -5.92 -12.63 6.02
C TYR A 64 -6.88 -11.63 5.39
N GLU A 65 -6.38 -10.82 4.48
CA GLU A 65 -7.24 -10.02 3.62
C GLU A 65 -6.66 -10.09 2.22
N TYR A 66 -7.50 -10.15 1.21
CA TYR A 66 -6.98 -10.31 -0.16
C TYR A 66 -6.66 -8.97 -0.79
N GLY A 67 -5.48 -8.88 -1.43
CA GLY A 67 -5.22 -7.87 -2.44
C GLY A 67 -4.87 -6.47 -1.97
N TRP A 68 -4.34 -6.31 -0.78
CA TRP A 68 -4.01 -4.99 -0.25
C TRP A 68 -2.52 -4.71 -0.43
N VAL A 69 -2.18 -3.43 -0.42
CA VAL A 69 -0.80 -2.96 -0.49
C VAL A 69 -0.39 -2.54 0.91
N GLY A 70 0.57 -3.25 1.51
CA GLY A 70 0.97 -2.88 2.86
C GLY A 70 1.99 -1.74 2.83
N VAL A 71 1.88 -0.85 3.81
CA VAL A 71 2.85 0.22 4.01
C VAL A 71 3.41 0.09 5.41
N VAL A 72 4.74 0.06 5.53
CA VAL A 72 5.43 -0.05 6.81
C VAL A 72 6.40 1.12 6.89
N LYS A 73 6.22 2.01 7.87
CA LYS A 73 7.20 3.08 8.10
C LYS A 73 8.17 2.57 9.17
N LEU A 74 9.42 2.36 8.79
CA LEU A 74 10.42 1.83 9.72
C LEU A 74 10.85 2.91 10.70
N GLU A 75 11.08 2.49 11.94
CA GLU A 75 11.58 3.38 12.98
C GLU A 75 13.09 3.46 12.96
N GLN A 76 13.59 4.54 13.55
CA GLN A 76 15.03 4.65 13.74
C GLN A 76 15.53 3.44 14.51
N PRO A 77 16.62 2.80 14.09
CA PRO A 77 17.07 1.58 14.78
C PRO A 77 17.38 1.79 16.25
N GLU A 78 17.89 2.97 16.62
CA GLU A 78 18.17 3.25 18.02
C GLU A 78 16.91 3.28 18.86
N LEU A 79 15.75 3.54 18.25
CA LEU A 79 14.49 3.56 18.98
C LEU A 79 13.74 2.24 18.91
N ASP A 80 14.18 1.31 18.06
CA ASP A 80 13.51 0.01 17.89
C ASP A 80 14.59 -1.06 17.79
N PRO A 81 15.41 -1.22 18.84
CA PRO A 81 16.58 -2.10 18.71
C PRO A 81 16.26 -3.58 18.77
N LYS A 82 15.07 -3.97 19.22
CA LYS A 82 14.68 -5.38 19.32
C LYS A 82 13.33 -5.59 18.63
N PRO A 83 13.32 -5.55 17.31
CA PRO A 83 12.05 -5.77 16.59
C PRO A 83 11.59 -7.22 16.73
N CYS A 84 10.28 -7.42 16.55
CA CYS A 84 9.76 -8.79 16.57
C CYS A 84 10.09 -9.59 15.32
N LEU A 85 10.36 -8.93 14.18
CA LEU A 85 10.68 -9.58 12.92
C LEU A 85 11.78 -8.76 12.26
N THR A 86 12.62 -9.43 11.47
CA THR A 86 13.49 -8.69 10.58
C THR A 86 12.66 -7.96 9.52
N VAL A 87 13.33 -7.06 8.78
CA VAL A 87 12.64 -6.38 7.69
C VAL A 87 12.14 -7.38 6.65
N LEU A 88 12.98 -8.35 6.29
CA LEU A 88 12.51 -9.41 5.38
C LEU A 88 11.35 -10.18 6.00
N GLY A 89 11.41 -10.46 7.30
CA GLY A 89 10.32 -11.17 7.93
C GLY A 89 9.03 -10.39 7.92
N LYS A 90 9.11 -9.07 8.05
CA LYS A 90 7.91 -8.24 7.96
C LYS A 90 7.26 -8.32 6.58
N ALA A 91 8.08 -8.26 5.53
CA ALA A 91 7.57 -8.42 4.16
C ALA A 91 6.91 -9.78 3.99
N LYS A 92 7.59 -10.83 4.43
CA LYS A 92 7.04 -12.18 4.29
C LYS A 92 5.71 -12.30 5.03
N ARG A 93 5.63 -11.70 6.21
CA ARG A 93 4.41 -11.79 7.00
C ARG A 93 3.26 -11.08 6.31
N ALA A 94 3.52 -9.89 5.74
CA ALA A 94 2.45 -9.21 5.03
C ALA A 94 1.95 -10.03 3.85
N VAL A 95 2.88 -10.64 3.10
CA VAL A 95 2.50 -11.49 1.97
C VAL A 95 1.69 -12.69 2.45
N GLN A 96 2.07 -13.27 3.60
CA GLN A 96 1.29 -14.39 4.14
C GLN A 96 -0.15 -13.97 4.47
N ARG A 97 -0.33 -12.73 4.90
CA ARG A 97 -1.62 -12.19 5.27
C ARG A 97 -2.36 -11.58 4.08
N GLY A 98 -1.86 -11.80 2.85
CA GLY A 98 -2.60 -11.47 1.65
C GLY A 98 -2.11 -10.25 0.89
N ALA A 99 -1.02 -9.63 1.31
CA ALA A 99 -0.59 -8.41 0.64
C ALA A 99 -0.17 -8.74 -0.78
N THR A 100 -0.61 -7.89 -1.71
CA THR A 100 -0.19 -7.99 -3.10
C THR A 100 1.15 -7.29 -3.32
N ALA A 101 1.55 -6.43 -2.39
CA ALA A 101 2.83 -5.75 -2.46
C ALA A 101 3.05 -5.15 -1.09
N VAL A 102 4.32 -4.85 -0.78
CA VAL A 102 4.68 -4.20 0.47
C VAL A 102 5.58 -3.02 0.13
N ILE A 103 5.31 -1.87 0.75
CA ILE A 103 6.16 -0.69 0.58
C ILE A 103 6.72 -0.33 1.96
N PHE A 104 8.04 -0.28 2.05
CA PHE A 104 8.72 0.19 3.25
C PHE A 104 9.14 1.64 3.04
N ASP A 105 8.81 2.50 4.00
CA ASP A 105 9.45 3.80 4.11
C ASP A 105 10.71 3.59 4.95
N VAL A 106 11.87 3.64 4.27
CA VAL A 106 13.16 3.35 4.89
C VAL A 106 13.88 4.62 5.34
N SER A 107 13.21 5.79 5.30
CA SER A 107 13.86 7.07 5.56
C SER A 107 14.63 7.06 6.88
N GLU A 108 14.06 6.48 7.93
CA GLU A 108 14.69 6.52 9.23
C GLU A 108 15.57 5.31 9.48
N ASN A 109 15.62 4.36 8.54
CA ASN A 109 16.40 3.14 8.68
C ASN A 109 16.98 2.77 7.32
N PRO A 110 17.88 3.61 6.78
CA PRO A 110 18.44 3.31 5.47
C PRO A 110 19.16 1.97 5.38
N GLU A 111 19.68 1.46 6.50
CA GLU A 111 20.31 0.15 6.52
C GLU A 111 19.36 -0.94 6.07
N ALA A 112 18.05 -0.73 6.22
CA ALA A 112 17.08 -1.69 5.72
C ALA A 112 17.21 -1.92 4.21
N ILE A 113 17.69 -0.93 3.45
CA ILE A 113 17.84 -1.10 2.01
C ILE A 113 18.79 -2.25 1.72
N ASP A 114 19.90 -2.29 2.45
CA ASP A 114 20.87 -3.35 2.23
C ASP A 114 20.31 -4.71 2.61
N GLN A 115 19.55 -4.76 3.71
CA GLN A 115 18.89 -6.02 4.08
C GLN A 115 17.90 -6.46 3.00
N LEU A 116 17.10 -5.53 2.47
CA LEU A 116 16.16 -5.88 1.41
C LEU A 116 16.85 -6.25 0.10
N ASN A 117 18.05 -5.70 -0.15
CA ASN A 117 18.68 -5.92 -1.44
C ASN A 117 19.65 -7.10 -1.42
N GLN A 118 19.70 -7.83 -0.32
CA GLN A 118 20.41 -9.10 -0.32
C GLN A 118 19.64 -10.08 -1.20
N GLY A 119 20.30 -10.57 -2.26
CA GLY A 119 19.65 -11.47 -3.19
C GLY A 119 20.02 -12.92 -2.96
N SER A 120 20.57 -13.21 -1.78
CA SER A 120 20.97 -14.57 -1.42
C SER A 120 19.80 -15.42 -0.94
N GLU A 121 18.63 -14.82 -0.73
CA GLU A 121 17.42 -15.56 -0.42
C GLU A 121 16.53 -15.60 -1.66
N ASP A 122 15.68 -16.63 -1.74
CA ASP A 122 14.73 -16.68 -2.84
C ASP A 122 13.77 -15.49 -2.76
N PRO A 123 13.41 -14.87 -3.88
CA PRO A 123 12.57 -13.68 -3.80
C PRO A 123 11.15 -14.06 -3.41
N LEU A 124 10.53 -13.19 -2.61
CA LEU A 124 9.09 -13.29 -2.44
C LEU A 124 8.40 -13.14 -3.80
N LYS A 125 7.20 -13.68 -3.87
CA LYS A 125 6.51 -13.71 -5.14
C LYS A 125 5.83 -12.39 -5.48
N ARG A 126 5.80 -11.44 -4.55
CA ARG A 126 5.18 -10.14 -4.74
C ARG A 126 6.22 -9.04 -4.58
N PRO A 127 5.93 -7.85 -5.07
CA PRO A 127 6.91 -6.74 -4.99
C PRO A 127 7.13 -6.30 -3.55
N VAL A 128 8.39 -6.02 -3.22
CA VAL A 128 8.79 -5.45 -1.92
C VAL A 128 9.56 -4.18 -2.26
N VAL A 129 8.88 -3.04 -2.17
CA VAL A 129 9.39 -1.76 -2.67
C VAL A 129 9.82 -0.93 -1.48
N TYR A 130 10.86 -0.12 -1.66
CA TYR A 130 11.19 0.85 -0.65
C TYR A 130 11.17 2.27 -1.20
N VAL A 131 10.78 3.19 -0.35
CA VAL A 131 10.74 4.61 -0.66
C VAL A 131 11.48 5.35 0.44
N LYS A 132 12.03 6.50 0.09
CA LYS A 132 12.76 7.35 1.02
C LYS A 132 12.63 8.79 0.53
N GLY A 133 13.17 9.70 1.34
CA GLY A 133 13.27 11.09 0.90
C GLY A 133 11.92 11.69 0.59
N ALA A 134 11.88 12.52 -0.45
CA ALA A 134 10.66 13.23 -0.79
C ALA A 134 9.54 12.27 -1.16
N ASP A 135 9.87 11.13 -1.78
CA ASP A 135 8.85 10.18 -2.19
C ASP A 135 8.21 9.52 -0.98
N ALA A 136 9.01 9.22 0.05
CA ALA A 136 8.44 8.70 1.28
C ALA A 136 7.57 9.75 1.97
N ILE A 137 7.98 11.01 1.90
CA ILE A 137 7.16 12.07 2.49
C ILE A 137 5.81 12.13 1.80
N LYS A 138 5.80 12.04 0.45
CA LYS A 138 4.55 12.02 -0.30
C LYS A 138 3.67 10.85 0.14
N LEU A 139 4.26 9.65 0.25
CA LEU A 139 3.46 8.48 0.59
C LEU A 139 2.85 8.63 1.97
N MET A 140 3.66 9.03 2.95
CA MET A 140 3.16 9.09 4.32
C MET A 140 2.17 10.24 4.52
N ASN A 141 2.35 11.33 3.77
CA ASN A 141 1.36 12.41 3.83
C ASN A 141 -0.03 11.88 3.56
N ILE A 142 -0.17 11.02 2.56
CA ILE A 142 -1.48 10.51 2.23
C ILE A 142 -1.88 9.37 3.16
N VAL A 143 -0.94 8.49 3.51
CA VAL A 143 -1.21 7.41 4.46
C VAL A 143 -1.64 7.98 5.82
N ASN A 144 -1.03 9.09 6.24
CA ASN A 144 -1.35 9.67 7.53
C ASN A 144 -2.75 10.26 7.62
N LYS A 145 -3.44 10.43 6.49
CA LYS A 145 -4.81 10.91 6.56
C LYS A 145 -5.75 9.87 7.16
N GLN A 146 -5.29 8.63 7.26
CA GLN A 146 -6.05 7.56 7.91
C GLN A 146 -7.40 7.31 7.22
N LYS A 147 -7.38 7.36 5.91
CA LYS A 147 -8.56 7.05 5.12
C LYS A 147 -8.25 5.84 4.25
N VAL A 148 -9.15 5.53 3.33
CA VAL A 148 -8.96 4.38 2.46
C VAL A 148 -8.38 4.90 1.15
N ALA A 149 -7.08 4.68 0.98
CA ALA A 149 -6.40 5.05 -0.25
C ALA A 149 -6.15 3.79 -1.08
N ARG A 150 -6.07 3.96 -2.40
CA ARG A 150 -5.69 2.89 -3.30
C ARG A 150 -4.38 3.26 -4.00
N ALA A 151 -3.56 2.26 -4.22
CA ALA A 151 -2.24 2.46 -4.79
C ALA A 151 -2.03 1.52 -5.96
N ARG A 152 -1.29 2.02 -6.96
CA ARG A 152 -0.91 1.22 -8.12
C ARG A 152 0.59 1.31 -8.28
N ILE A 153 1.24 0.16 -8.35
CA ILE A 153 2.69 0.06 -8.49
C ILE A 153 2.99 -0.43 -9.90
N GLN A 154 3.82 0.31 -10.65
CA GLN A 154 4.15 -0.06 -12.01
C GLN A 154 5.66 -0.19 -12.15
N HIS A 155 6.07 -1.15 -12.97
N HIS A 155 6.09 -1.16 -12.95
CA HIS A 155 7.45 -1.27 -13.43
CA HIS A 155 7.47 -1.22 -13.39
C HIS A 155 7.53 -0.66 -14.82
C HIS A 155 7.55 -0.67 -14.81
N ARG A 156 8.51 0.21 -15.03
CA ARG A 156 8.64 0.89 -16.33
C ARG A 156 7.33 1.54 -16.77
N GLY B 1 -21.73 5.81 9.59
CA GLY B 1 -22.58 5.87 8.41
C GLY B 1 -22.18 4.89 7.33
N CYS B 2 -22.15 5.37 6.08
CA CYS B 2 -21.69 4.55 4.96
C CYS B 2 -20.59 5.29 4.20
N ASN B 3 -19.44 4.64 4.09
CA ASN B 3 -18.35 5.12 3.25
C ASN B 3 -17.59 3.88 2.82
N ARG B 4 -17.70 3.52 1.54
CA ARG B 4 -16.96 2.41 0.96
C ARG B 4 -15.99 2.90 -0.11
N LEU B 5 -15.67 4.18 -0.12
CA LEU B 5 -14.79 4.73 -1.13
C LEU B 5 -13.46 3.98 -1.14
N ASN B 6 -13.02 3.59 -2.34
CA ASN B 6 -11.78 2.88 -2.60
C ASN B 6 -11.77 1.44 -2.14
N LYS B 7 -12.89 0.93 -1.66
CA LYS B 7 -13.04 -0.50 -1.45
C LYS B 7 -13.30 -1.18 -2.79
N LYS B 8 -12.80 -2.40 -2.92
CA LYS B 8 -13.10 -3.19 -4.11
C LYS B 8 -14.59 -3.49 -4.19
N CYS B 9 -15.08 -3.59 -5.41
CA CYS B 9 -16.48 -3.84 -5.68
C CYS B 9 -16.60 -4.62 -6.98
N ASN B 10 -17.68 -5.39 -7.09
CA ASN B 10 -18.04 -6.06 -8.33
C ASN B 10 -19.27 -5.45 -8.97
N SER B 11 -20.02 -4.63 -8.24
CA SER B 11 -21.17 -3.92 -8.79
C SER B 11 -21.50 -2.79 -7.83
N ASP B 12 -22.45 -1.94 -8.25
CA ASP B 12 -22.90 -0.84 -7.40
C ASP B 12 -23.49 -1.34 -6.09
N ALA B 13 -24.01 -2.58 -6.07
CA ALA B 13 -24.55 -3.12 -4.82
C ALA B 13 -23.51 -3.23 -3.73
N ASP B 14 -22.22 -3.26 -4.07
CA ASP B 14 -21.15 -3.35 -3.08
C ASP B 14 -20.71 -1.99 -2.56
N CYS B 15 -21.18 -0.90 -3.17
CA CYS B 15 -20.84 0.45 -2.74
C CYS B 15 -22.03 1.07 -2.02
N CYS B 16 -21.78 2.25 -1.44
CA CYS B 16 -22.87 2.94 -0.74
C CYS B 16 -23.92 3.35 -1.76
N ALA B 17 -25.18 3.22 -1.35
CA ALA B 17 -26.27 3.54 -2.25
C ALA B 17 -26.22 5.00 -2.67
N ASN B 18 -26.41 5.24 -3.96
CA ASN B 18 -26.73 6.54 -4.54
C ASN B 18 -25.55 7.48 -4.64
N LYS B 19 -24.77 7.62 -3.57
CA LYS B 19 -23.65 8.56 -3.53
C LYS B 19 -22.32 7.96 -3.99
N GLU B 20 -22.28 6.65 -4.25
CA GLU B 20 -21.10 5.98 -4.77
C GLU B 20 -21.50 5.13 -5.97
N LYS B 21 -20.50 4.79 -6.78
CA LYS B 21 -20.66 3.89 -7.91
C LYS B 21 -19.39 3.06 -8.05
N CYS B 22 -19.54 1.90 -8.65
CA CYS B 22 -18.45 0.95 -8.81
C CYS B 22 -17.85 1.13 -10.21
N GLU B 23 -16.55 1.40 -10.28
CA GLU B 23 -15.92 1.71 -11.56
C GLU B 23 -14.47 1.23 -11.56
N ARG B 24 -14.00 0.82 -12.74
CA ARG B 24 -12.61 0.49 -12.95
C ARG B 24 -11.90 1.79 -13.34
N PRO B 25 -11.00 2.33 -12.52
CA PRO B 25 -10.29 3.55 -12.94
C PRO B 25 -9.51 3.27 -14.22
N ILE B 26 -9.46 4.27 -15.10
CA ILE B 26 -8.78 4.06 -16.36
C ILE B 26 -7.30 3.80 -16.08
N GLY B 27 -6.78 2.72 -16.66
CA GLY B 27 -5.40 2.34 -16.45
C GLY B 27 -5.16 1.42 -15.28
N TRP B 28 -6.18 1.14 -14.47
CA TRP B 28 -6.10 0.22 -13.36
C TRP B 28 -6.82 -1.07 -13.70
N LYS B 29 -6.51 -2.12 -12.94
CA LYS B 29 -7.01 -3.46 -13.22
C LYS B 29 -8.35 -3.71 -12.56
N PHE B 30 -8.57 -3.18 -11.37
CA PHE B 30 -9.73 -3.58 -10.57
C PHE B 30 -10.75 -2.46 -10.49
N MET B 31 -11.93 -2.85 -10.03
CA MET B 31 -13.01 -1.92 -9.79
C MET B 31 -13.06 -1.55 -8.32
N TYR B 32 -13.27 -0.27 -8.05
CA TYR B 32 -13.35 0.29 -6.71
C TYR B 32 -14.56 1.20 -6.64
N CYS B 33 -15.08 1.37 -5.44
CA CYS B 33 -16.11 2.38 -5.21
C CYS B 33 -15.54 3.79 -5.31
N ARG B 34 -16.28 4.67 -5.94
CA ARG B 34 -15.88 6.06 -6.14
C ARG B 34 -17.09 6.93 -5.90
N PRO B 35 -16.90 8.23 -5.68
CA PRO B 35 -18.07 9.12 -5.52
C PRO B 35 -18.90 9.22 -6.80
N ASP B 36 -20.20 9.43 -6.62
CA ASP B 36 -21.14 9.63 -7.73
C ASP B 36 -21.95 10.89 -7.39
N VAL B 37 -21.64 12.00 -8.05
CA VAL B 37 -22.31 13.26 -7.75
C VAL B 37 -23.53 13.42 -8.64
N GLY B 38 -23.91 12.35 -9.34
CA GLY B 38 -25.16 12.33 -10.07
C GLY B 38 -24.99 12.70 -11.54
N PRO B 39 -26.12 12.89 -12.24
CA PRO B 39 -26.04 13.18 -13.68
#